data_4PZ0
#
_entry.id   4PZ0
#
_cell.length_a   39.005
_cell.length_b   58.067
_cell.length_c   63.194
_cell.angle_alpha   90.00
_cell.angle_beta   95.58
_cell.angle_gamma   90.00
#
_symmetry.space_group_name_H-M   'P 1 21 1'
#
loop_
_entity.id
_entity.type
_entity.pdbx_description
1 polymer 'sugar ABC transporter, sugar-binding protein'
2 non-polymer (2R,4S)-2-methyl-2,3,3,4-tetrahydroxytetrahydrofuran
3 non-polymer 1,2-ETHANEDIOL
4 non-polymer 'CHLORIDE ION'
5 water water
#
_entity_poly.entity_id   1
_entity_poly.type   'polypeptide(L)'
_entity_poly.pdbx_seq_one_letter_code
;SNADKKKADDVKFAFIPKLTGVGFFTSGGEGAKE(MSE)GDKLGVQVKYDGPSEASVSGQVKYINNFINQNYDAL(MSE)
VSSTSVDGLSQSLQRAKKKG(MSE)TVLTWDSDVNPKDRSFYISQGTPDQLANLLIE(MSE)TSKQIGDKGKVAFFYSSP
TVTDQNQWVTKAKEIIKEKYPNWEIVTTQYGENNAQKSLSVGENILKTYPDINAVICPDATALPA(MSE)AQAAENLK
(MSE)DKKVVVTGFSTPNV(MSE)RDYVKRGTVQQFGLWDVKQQGALATYVANEIVVKGKKLKVGDSFEVKGIGKVKVEP
NSIQGYDYEAEGNGIIVLPERVVFTKDNIDKYNF
;
_entity_poly.pdbx_strand_id   A
#
loop_
_chem_comp.id
_chem_comp.type
_chem_comp.name
_chem_comp.formula
CL non-polymer 'CHLORIDE ION' 'Cl -1'
EDO non-polymer 1,2-ETHANEDIOL 'C2 H6 O2'
PAV L-saccharide, alpha linking (2R,4S)-2-methyl-2,3,3,4-tetrahydroxytetrahydrofuran 'C5 H10 O5'
#
# COMPACT_ATOMS: atom_id res chain seq x y z
N ASP A 4 4.05 -23.25 -23.15
CA ASP A 4 3.33 -22.06 -22.67
C ASP A 4 1.86 -22.07 -23.08
N LYS A 5 1.04 -21.36 -22.32
CA LYS A 5 -0.39 -21.30 -22.56
C LYS A 5 -0.72 -20.23 -23.61
N LYS A 6 0.09 -19.17 -23.65
CA LYS A 6 -0.16 -18.08 -24.58
C LYS A 6 1.12 -17.51 -25.20
N LYS A 7 0.92 -16.63 -26.18
CA LYS A 7 2.00 -15.86 -26.80
C LYS A 7 1.97 -14.44 -26.23
N ALA A 8 3.15 -13.92 -25.89
CA ALA A 8 3.28 -12.62 -25.22
C ALA A 8 2.51 -11.49 -25.90
N ASP A 9 2.49 -11.49 -27.23
CA ASP A 9 1.93 -10.37 -28.00
C ASP A 9 0.39 -10.33 -28.01
N ASP A 10 -0.25 -11.41 -27.61
CA ASP A 10 -1.71 -11.50 -27.66
C ASP A 10 -2.38 -11.09 -26.35
N VAL A 11 -1.59 -10.85 -25.31
CA VAL A 11 -2.16 -10.59 -23.99
C VAL A 11 -2.04 -9.15 -23.55
N LYS A 12 -2.91 -8.74 -22.64
CA LYS A 12 -2.81 -7.42 -22.04
C LYS A 12 -3.28 -7.49 -20.60
N PHE A 13 -2.56 -6.77 -19.73
CA PHE A 13 -2.84 -6.76 -18.30
C PHE A 13 -3.21 -5.34 -17.89
N ALA A 14 -4.14 -5.22 -16.94
CA ALA A 14 -4.55 -3.94 -16.39
C ALA A 14 -3.98 -3.76 -14.99
N PHE A 15 -3.25 -2.68 -14.75
CA PHE A 15 -2.68 -2.40 -13.44
C PHE A 15 -3.42 -1.20 -12.88
N ILE A 16 -4.16 -1.42 -11.81
CA ILE A 16 -5.14 -0.45 -11.35
C ILE A 16 -4.80 0.04 -9.95
N PRO A 17 -4.64 1.36 -9.78
CA PRO A 17 -4.35 1.95 -8.47
C PRO A 17 -5.64 2.28 -7.72
N LYS A 18 -5.53 2.66 -6.45
CA LYS A 18 -6.67 3.23 -5.75
C LYS A 18 -7.11 4.51 -6.43
N LEU A 19 -6.12 5.29 -6.87
CA LEU A 19 -6.33 6.50 -7.65
C LEU A 19 -5.01 6.85 -8.33
N THR A 20 -5.10 7.65 -9.38
CA THR A 20 -3.92 8.14 -10.07
C THR A 20 -3.49 9.47 -9.46
N GLY A 21 -2.30 9.94 -9.85
CA GLY A 21 -1.86 11.27 -9.45
C GLY A 21 -1.22 11.35 -8.09
N VAL A 22 -0.92 10.19 -7.50
CA VAL A 22 -0.24 10.07 -6.23
C VAL A 22 1.05 9.30 -6.51
N GLY A 23 2.18 9.81 -6.03
CA GLY A 23 3.48 9.26 -6.35
C GLY A 23 3.58 7.75 -6.17
N PHE A 24 3.07 7.24 -5.05
CA PHE A 24 3.06 5.81 -4.80
C PHE A 24 2.48 5.03 -5.98
N PHE A 25 1.34 5.48 -6.47
CA PHE A 25 0.65 4.77 -7.55
C PHE A 25 1.33 4.96 -8.90
N THR A 26 1.79 6.17 -9.18
CA THR A 26 2.52 6.40 -10.42
C THR A 26 3.75 5.49 -10.47
N SER A 27 4.48 5.43 -9.36
CA SER A 27 5.68 4.60 -9.31
C SER A 27 5.36 3.11 -9.41
N GLY A 28 4.31 2.65 -8.72
CA GLY A 28 3.89 1.27 -8.86
C GLY A 28 3.56 0.95 -10.31
N GLY A 29 2.84 1.86 -10.96
CA GLY A 29 2.49 1.68 -12.36
C GLY A 29 3.70 1.64 -13.27
N GLU A 30 4.70 2.48 -12.97
CA GLU A 30 5.93 2.46 -13.74
C GLU A 30 6.65 1.11 -13.62
N GLY A 31 6.68 0.56 -12.41
CA GLY A 31 7.30 -0.74 -12.21
C GLY A 31 6.56 -1.85 -12.95
N ALA A 32 5.23 -1.82 -12.90
CA ALA A 32 4.44 -2.82 -13.60
C ALA A 32 4.65 -2.73 -15.10
N LYS A 33 4.69 -1.51 -15.63
CA LYS A 33 4.86 -1.27 -17.07
CA LYS A 33 4.86 -1.32 -17.07
C LYS A 33 6.26 -1.67 -17.53
N GLU A 34 7.27 -1.29 -16.74
CA GLU A 34 8.65 -1.65 -17.06
C GLU A 34 8.82 -3.16 -17.14
N MSE A 35 8.23 -3.88 -16.19
CA MSE A 35 8.30 -5.35 -16.25
C MSE A 35 7.54 -5.89 -17.45
O MSE A 35 7.98 -6.84 -18.10
CB MSE A 35 7.80 -5.98 -14.95
CG MSE A 35 7.81 -7.50 -14.95
SE MSE A 35 9.59 -8.30 -15.17
CE MSE A 35 10.17 -8.19 -13.31
N GLY A 36 6.39 -5.29 -17.76
CA GLY A 36 5.67 -5.65 -18.96
C GLY A 36 6.55 -5.53 -20.21
N ASP A 37 7.24 -4.40 -20.32
CA ASP A 37 8.14 -4.17 -21.45
C ASP A 37 9.26 -5.21 -21.50
N LYS A 38 9.79 -5.56 -20.34
CA LYS A 38 10.85 -6.57 -20.24
C LYS A 38 10.38 -7.96 -20.66
N LEU A 39 9.09 -8.22 -20.49
CA LEU A 39 8.53 -9.54 -20.78
C LEU A 39 7.80 -9.60 -22.11
N GLY A 40 7.70 -8.46 -22.80
CA GLY A 40 7.03 -8.40 -24.09
C GLY A 40 5.51 -8.47 -23.99
N VAL A 41 4.96 -8.04 -22.86
CA VAL A 41 3.51 -8.02 -22.68
C VAL A 41 3.00 -6.61 -22.44
N GLN A 42 1.82 -6.32 -22.94
CA GLN A 42 1.20 -5.01 -22.76
C GLN A 42 0.58 -4.87 -21.37
N VAL A 43 0.95 -3.81 -20.68
CA VAL A 43 0.37 -3.46 -19.39
C VAL A 43 -0.17 -2.06 -19.48
N LYS A 44 -1.45 -1.89 -19.17
CA LYS A 44 -2.04 -0.57 -19.10
C LYS A 44 -2.26 -0.17 -17.66
N TYR A 45 -1.68 0.95 -17.28
CA TYR A 45 -1.86 1.55 -15.96
C TYR A 45 -2.97 2.60 -16.05
N ASP A 46 -4.06 2.39 -15.34
CA ASP A 46 -5.14 3.38 -15.35
C ASP A 46 -6.08 3.15 -14.18
N GLY A 47 -6.71 4.23 -13.74
CA GLY A 47 -7.67 4.18 -12.66
C GLY A 47 -8.30 5.55 -12.48
N PRO A 48 -9.19 5.69 -11.49
CA PRO A 48 -9.87 6.97 -11.29
C PRO A 48 -8.93 8.01 -10.68
N SER A 49 -9.26 9.29 -10.85
CA SER A 49 -8.43 10.36 -10.32
C SER A 49 -8.79 10.70 -8.86
N GLU A 50 -9.83 10.07 -8.34
CA GLU A 50 -10.17 10.16 -6.93
C GLU A 50 -10.38 8.75 -6.42
N ALA A 51 -10.09 8.50 -5.15
CA ALA A 51 -10.22 7.16 -4.61
C ALA A 51 -11.68 6.92 -4.26
N SER A 52 -12.37 6.10 -5.06
CA SER A 52 -13.74 5.71 -4.74
C SER A 52 -14.01 4.32 -5.28
N VAL A 53 -14.88 3.61 -4.59
CA VAL A 53 -15.27 2.27 -5.01
C VAL A 53 -15.93 2.33 -6.39
N SER A 54 -16.87 3.24 -6.56
CA SER A 54 -17.60 3.34 -7.83
C SER A 54 -16.64 3.68 -8.98
N GLY A 55 -15.67 4.55 -8.71
CA GLY A 55 -14.68 4.88 -9.73
C GLY A 55 -13.87 3.67 -10.13
N GLN A 56 -13.42 2.89 -9.15
CA GLN A 56 -12.68 1.68 -9.47
C GLN A 56 -13.53 0.67 -10.22
N VAL A 57 -14.78 0.50 -9.82
CA VAL A 57 -15.68 -0.43 -10.50
C VAL A 57 -15.86 -0.06 -11.97
N LYS A 58 -15.95 1.25 -12.26
CA LYS A 58 -16.09 1.72 -13.63
CA LYS A 58 -16.09 1.71 -13.63
C LYS A 58 -14.89 1.30 -14.47
N TYR A 59 -13.69 1.50 -13.92
CA TYR A 59 -12.48 1.11 -14.65
C TYR A 59 -12.38 -0.41 -14.82
N ILE A 60 -12.67 -1.14 -13.76
CA ILE A 60 -12.66 -2.60 -13.82
C ILE A 60 -13.62 -3.11 -14.90
N ASN A 61 -14.84 -2.59 -14.90
CA ASN A 61 -15.80 -3.00 -15.92
C ASN A 61 -15.30 -2.73 -17.34
N ASN A 62 -14.64 -1.60 -17.54
CA ASN A 62 -14.10 -1.27 -18.85
CA ASN A 62 -14.08 -1.26 -18.85
C ASN A 62 -13.01 -2.25 -19.27
N PHE A 63 -12.12 -2.60 -18.33
CA PHE A 63 -11.05 -3.55 -18.63
C PHE A 63 -11.61 -4.94 -18.94
N ILE A 64 -12.61 -5.37 -18.18
CA ILE A 64 -13.27 -6.65 -18.44
C ILE A 64 -13.91 -6.63 -19.83
N ASN A 65 -14.59 -5.54 -20.15
CA ASN A 65 -15.33 -5.43 -21.40
C ASN A 65 -14.42 -5.29 -22.61
N GLN A 66 -13.17 -4.91 -22.37
CA GLN A 66 -12.16 -4.83 -23.43
C GLN A 66 -11.36 -6.13 -23.53
N ASN A 67 -11.82 -7.15 -22.81
CA ASN A 67 -11.21 -8.48 -22.91
C ASN A 67 -9.74 -8.52 -22.49
N TYR A 68 -9.41 -7.79 -21.43
CA TYR A 68 -8.09 -7.92 -20.82
C TYR A 68 -7.92 -9.34 -20.26
N ASP A 69 -6.67 -9.79 -20.16
CA ASP A 69 -6.38 -11.13 -19.67
C ASP A 69 -6.19 -11.22 -18.17
N ALA A 70 -5.73 -10.11 -17.58
CA ALA A 70 -5.50 -10.06 -16.14
C ALA A 70 -5.76 -8.65 -15.63
N LEU A 71 -6.19 -8.57 -14.37
CA LEU A 71 -6.34 -7.32 -13.63
C LEU A 71 -5.47 -7.43 -12.41
N MSE A 72 -4.80 -6.34 -12.05
CA MSE A 72 -4.02 -6.26 -10.83
CA MSE A 72 -4.09 -6.29 -10.78
C MSE A 72 -4.45 -4.98 -10.11
O MSE A 72 -4.10 -3.89 -10.57
CB MSE A 72 -2.54 -6.20 -11.21
CB MSE A 72 -2.57 -6.44 -10.91
CG MSE A 72 -2.16 -7.27 -12.23
CG MSE A 72 -2.13 -7.47 -11.92
SE MSE A 72 -0.35 -7.27 -12.97
SE MSE A 72 -1.96 -6.58 -13.63
CE MSE A 72 -0.55 -5.85 -14.27
CE MSE A 72 -0.08 -6.92 -13.99
N VAL A 73 -5.19 -5.10 -9.01
CA VAL A 73 -5.82 -3.94 -8.41
C VAL A 73 -5.40 -3.72 -6.96
N SER A 74 -5.18 -2.45 -6.62
CA SER A 74 -5.09 -2.02 -5.23
C SER A 74 -6.45 -1.45 -4.86
N SER A 75 -7.11 -2.13 -3.93
CA SER A 75 -8.51 -1.87 -3.66
C SER A 75 -8.80 -0.79 -2.63
N THR A 76 -9.81 0.01 -2.94
CA THR A 76 -10.35 0.98 -1.98
C THR A 76 -11.29 0.34 -0.96
N SER A 77 -11.60 -0.95 -1.11
CA SER A 77 -12.67 -1.58 -0.33
C SER A 77 -12.48 -3.07 -0.14
N VAL A 78 -12.94 -3.60 1.01
CA VAL A 78 -12.83 -5.03 1.25
C VAL A 78 -13.78 -5.81 0.35
N ASP A 79 -15.01 -5.34 0.22
CA ASP A 79 -16.04 -6.10 -0.47
C ASP A 79 -16.67 -5.39 -1.67
N GLY A 80 -16.40 -4.10 -1.82
CA GLY A 80 -17.05 -3.30 -2.86
C GLY A 80 -16.74 -3.72 -4.29
N LEU A 81 -15.61 -4.37 -4.50
CA LEU A 81 -15.22 -4.81 -5.84
C LEU A 81 -15.65 -6.24 -6.13
N SER A 82 -16.30 -6.89 -5.16
CA SER A 82 -16.57 -8.32 -5.27
C SER A 82 -17.32 -8.73 -6.54
N GLN A 83 -18.42 -8.04 -6.84
CA GLN A 83 -19.24 -8.41 -7.99
C GLN A 83 -18.46 -8.31 -9.29
N SER A 84 -17.74 -7.21 -9.49
CA SER A 84 -17.01 -7.02 -10.74
C SER A 84 -15.80 -7.95 -10.85
N LEU A 85 -15.10 -8.20 -9.74
CA LEU A 85 -13.97 -9.11 -9.77
C LEU A 85 -14.43 -10.54 -10.01
N GLN A 86 -15.59 -10.90 -9.47
CA GLN A 86 -16.16 -12.21 -9.75
C GLN A 86 -16.54 -12.35 -11.22
N ARG A 87 -17.04 -11.27 -11.80
CA ARG A 87 -17.39 -11.29 -13.22
C ARG A 87 -16.14 -11.48 -14.08
N ALA A 88 -15.06 -10.82 -13.68
CA ALA A 88 -13.78 -10.98 -14.37
C ALA A 88 -13.30 -12.43 -14.30
N LYS A 89 -13.38 -13.03 -13.12
CA LYS A 89 -12.94 -14.41 -12.97
C LYS A 89 -13.77 -15.35 -13.83
N LYS A 90 -15.07 -15.13 -13.88
CA LYS A 90 -15.97 -15.99 -14.66
C LYS A 90 -15.63 -15.92 -16.16
N LYS A 91 -15.18 -14.76 -16.60
CA LYS A 91 -14.79 -14.55 -17.99
C LYS A 91 -13.46 -15.25 -18.30
N GLY A 92 -12.78 -15.72 -17.26
CA GLY A 92 -11.53 -16.45 -17.43
C GLY A 92 -10.29 -15.62 -17.14
N MSE A 93 -10.50 -14.41 -16.65
CA MSE A 93 -9.39 -13.50 -16.35
C MSE A 93 -8.70 -13.85 -15.06
O MSE A 93 -9.31 -14.38 -14.13
CB MSE A 93 -9.91 -12.08 -16.27
CG MSE A 93 -10.45 -11.65 -17.61
SE MSE A 93 -11.58 -10.11 -17.56
CE MSE A 93 -10.38 -8.93 -16.90
N THR A 94 -7.40 -13.57 -14.99
CA THR A 94 -6.63 -13.71 -13.76
C THR A 94 -6.76 -12.42 -12.98
N VAL A 95 -7.15 -12.53 -11.71
CA VAL A 95 -7.32 -11.37 -10.86
C VAL A 95 -6.30 -11.42 -9.72
N LEU A 96 -5.41 -10.42 -9.70
CA LEU A 96 -4.47 -10.25 -8.60
C LEU A 96 -4.80 -8.96 -7.88
N THR A 97 -4.44 -8.90 -6.60
CA THR A 97 -4.37 -7.62 -5.93
C THR A 97 -2.94 -7.28 -5.64
N TRP A 98 -2.69 -6.00 -5.43
CA TRP A 98 -1.39 -5.55 -4.97
C TRP A 98 -1.65 -4.37 -4.03
N ASP A 99 -0.80 -4.17 -3.04
CA ASP A 99 -0.89 -3.04 -2.11
C ASP A 99 -2.06 -3.20 -1.13
N SER A 100 -3.28 -2.97 -1.60
CA SER A 100 -4.48 -3.13 -0.78
C SER A 100 -5.36 -4.25 -1.33
N ASP A 101 -5.61 -5.23 -0.48
CA ASP A 101 -6.26 -6.48 -0.88
C ASP A 101 -7.77 -6.35 -0.97
N VAL A 102 -8.42 -7.39 -1.48
CA VAL A 102 -9.86 -7.54 -1.38
C VAL A 102 -10.10 -8.80 -0.55
N ASN A 103 -11.37 -9.11 -0.27
CA ASN A 103 -11.71 -10.40 0.29
C ASN A 103 -10.99 -11.48 -0.51
N PRO A 104 -10.23 -12.37 0.16
CA PRO A 104 -9.34 -13.28 -0.57
C PRO A 104 -10.02 -14.17 -1.59
N LYS A 105 -11.31 -14.45 -1.38
CA LYS A 105 -12.03 -15.29 -2.33
C LYS A 105 -12.24 -14.57 -3.68
N ASP A 106 -12.01 -13.25 -3.71
CA ASP A 106 -12.27 -12.45 -4.91
C ASP A 106 -11.03 -12.16 -5.75
N ARG A 107 -9.90 -12.75 -5.37
CA ARG A 107 -8.69 -12.66 -6.17
C ARG A 107 -7.98 -14.00 -6.06
N SER A 108 -6.87 -14.15 -6.78
CA SER A 108 -6.03 -15.34 -6.65
CA SER A 108 -6.06 -15.35 -6.61
C SER A 108 -4.89 -15.04 -5.68
N PHE A 109 -3.99 -14.16 -6.10
CA PHE A 109 -2.86 -13.78 -5.27
C PHE A 109 -2.83 -12.30 -4.93
N TYR A 110 -2.43 -12.00 -3.71
CA TYR A 110 -2.22 -10.65 -3.21
C TYR A 110 -0.72 -10.41 -3.15
N ILE A 111 -0.24 -9.41 -3.89
CA ILE A 111 1.16 -9.03 -3.90
C ILE A 111 1.35 -7.98 -2.81
N SER A 112 1.86 -8.43 -1.67
CA SER A 112 1.82 -7.66 -0.43
C SER A 112 3.17 -7.10 -0.02
N GLN A 113 3.15 -5.87 0.49
CA GLN A 113 4.35 -5.23 1.00
C GLN A 113 4.74 -5.72 2.39
N GLY A 114 3.85 -6.45 3.05
CA GLY A 114 4.13 -6.95 4.39
C GLY A 114 2.86 -7.32 5.13
N THR A 115 3.01 -8.13 6.17
CA THR A 115 1.87 -8.50 6.99
C THR A 115 1.47 -7.35 7.91
N PRO A 116 0.26 -7.42 8.47
CA PRO A 116 -0.12 -6.39 9.44
C PRO A 116 0.86 -6.31 10.60
N ASP A 117 1.37 -7.44 11.08
CA ASP A 117 2.37 -7.38 12.14
C ASP A 117 3.65 -6.69 11.72
N GLN A 118 4.15 -7.01 10.52
CA GLN A 118 5.37 -6.37 10.06
C GLN A 118 5.19 -4.86 9.97
N LEU A 119 4.08 -4.43 9.36
CA LEU A 119 3.93 -3.02 9.09
C LEU A 119 3.52 -2.24 10.35
N ALA A 120 2.70 -2.85 11.18
CA ALA A 120 2.34 -2.21 12.45
C ALA A 120 3.56 -2.04 13.34
N ASN A 121 4.39 -3.07 13.41
CA ASN A 121 5.58 -2.94 14.23
CA ASN A 121 5.63 -3.00 14.18
C ASN A 121 6.52 -1.87 13.71
N LEU A 122 6.60 -1.70 12.40
CA LEU A 122 7.38 -0.62 11.82
CA LEU A 122 7.38 -0.63 11.81
C LEU A 122 6.86 0.74 12.25
N LEU A 123 5.55 0.95 12.13
CA LEU A 123 4.96 2.23 12.52
C LEU A 123 5.23 2.54 13.98
N ILE A 124 5.04 1.54 14.83
CA ILE A 124 5.21 1.72 16.27
C ILE A 124 6.68 1.97 16.62
N GLU A 125 7.59 1.19 16.05
CA GLU A 125 9.00 1.34 16.37
C GLU A 125 9.56 2.67 15.89
N MSE A 126 9.15 3.12 14.70
CA MSE A 126 9.64 4.40 14.20
C MSE A 126 9.18 5.53 15.12
O MSE A 126 9.86 6.53 15.26
CB MSE A 126 9.15 4.64 12.77
CG MSE A 126 9.79 3.71 11.76
SE MSE A 126 9.39 4.13 9.92
CE MSE A 126 7.45 4.06 9.99
N THR A 127 8.00 5.36 15.73
CA THR A 127 7.45 6.36 16.63
C THR A 127 8.12 6.28 18.00
N SER A 128 8.20 5.08 18.56
CA SER A 128 8.73 4.92 19.91
CA SER A 128 8.76 4.83 19.88
C SER A 128 10.21 5.32 20.02
N LYS A 129 10.99 5.15 18.94
CA LYS A 129 12.37 5.59 18.93
C LYS A 129 12.47 7.08 19.17
N GLN A 130 11.43 7.79 18.79
CA GLN A 130 11.42 9.26 18.83
C GLN A 130 10.68 9.88 20.00
N ILE A 131 9.69 9.18 20.56
CA ILE A 131 8.95 9.76 21.69
C ILE A 131 9.08 9.01 23.00
N GLY A 132 9.63 7.80 22.97
CA GLY A 132 9.72 7.00 24.18
C GLY A 132 8.40 6.35 24.56
N ASP A 133 8.26 5.99 25.83
CA ASP A 133 7.12 5.17 26.24
C ASP A 133 5.93 5.95 26.77
N LYS A 134 5.98 7.27 26.76
CA LYS A 134 4.85 8.07 27.23
C LYS A 134 4.53 9.19 26.24
N GLY A 135 3.26 9.39 25.96
CA GLY A 135 2.89 10.48 25.07
C GLY A 135 1.48 10.42 24.53
N LYS A 136 1.11 11.48 23.83
CA LYS A 136 -0.16 11.55 23.12
C LYS A 136 0.13 11.35 21.65
N VAL A 137 -0.60 10.42 21.03
CA VAL A 137 -0.38 10.12 19.62
CA VAL A 137 -0.37 10.06 19.64
C VAL A 137 -1.70 10.13 18.85
N ALA A 138 -1.61 10.44 17.56
CA ALA A 138 -2.77 10.38 16.69
C ALA A 138 -2.46 9.45 15.53
N PHE A 139 -3.50 8.79 15.01
CA PHE A 139 -3.40 8.14 13.71
C PHE A 139 -4.05 9.00 12.65
N PHE A 140 -3.43 9.06 11.47
CA PHE A 140 -3.90 9.92 10.39
C PHE A 140 -3.66 9.17 9.09
N TYR A 141 -4.73 8.73 8.46
CA TYR A 141 -4.59 7.97 7.22
C TYR A 141 -5.76 8.23 6.28
N SER A 142 -5.97 7.42 5.25
CA SER A 142 -6.89 7.81 4.20
C SER A 142 -8.37 7.67 4.56
N SER A 143 -8.75 6.52 5.09
CA SER A 143 -10.17 6.17 5.19
C SER A 143 -10.39 5.05 6.19
N PRO A 144 -11.56 5.03 6.83
CA PRO A 144 -11.87 3.98 7.82
C PRO A 144 -12.28 2.66 7.18
N THR A 145 -12.37 2.62 5.85
CA THR A 145 -12.84 1.41 5.19
C THR A 145 -11.84 0.75 4.25
N VAL A 146 -10.78 1.45 3.86
CA VAL A 146 -9.83 0.88 2.92
C VAL A 146 -9.16 -0.36 3.51
N THR A 147 -8.94 -1.38 2.69
CA THR A 147 -8.48 -2.67 3.21
C THR A 147 -7.14 -2.60 3.94
N ASP A 148 -6.10 -2.15 3.24
CA ASP A 148 -4.74 -2.26 3.78
C ASP A 148 -4.52 -1.47 5.06
N GLN A 149 -4.82 -0.19 5.01
CA GLN A 149 -4.46 0.67 6.11
C GLN A 149 -5.18 0.30 7.38
N ASN A 150 -6.43 -0.15 7.25
CA ASN A 150 -7.16 -0.60 8.42
C ASN A 150 -6.68 -1.92 8.99
N GLN A 151 -6.19 -2.84 8.14
CA GLN A 151 -5.52 -4.03 8.65
C GLN A 151 -4.31 -3.67 9.50
N TRP A 152 -3.50 -2.73 9.00
CA TRP A 152 -2.27 -2.38 9.72
C TRP A 152 -2.58 -1.60 11.00
N VAL A 153 -3.51 -0.67 10.90
CA VAL A 153 -3.81 0.19 12.04
C VAL A 153 -4.52 -0.59 13.15
N THR A 154 -5.40 -1.52 12.79
CA THR A 154 -6.05 -2.36 13.79
C THR A 154 -4.98 -3.10 14.60
N LYS A 155 -4.01 -3.66 13.89
CA LYS A 155 -2.92 -4.37 14.56
C LYS A 155 -2.06 -3.42 15.39
N ALA A 156 -1.73 -2.25 14.84
CA ALA A 156 -0.91 -1.28 15.56
C ALA A 156 -1.57 -0.84 16.86
N LYS A 157 -2.87 -0.61 16.83
CA LYS A 157 -3.58 -0.20 18.03
C LYS A 157 -3.57 -1.30 19.09
N GLU A 158 -3.69 -2.56 18.66
CA GLU A 158 -3.61 -3.69 19.58
C GLU A 158 -2.24 -3.77 20.27
N ILE A 159 -1.19 -3.56 19.49
CA ILE A 159 0.15 -3.60 20.04
C ILE A 159 0.38 -2.43 21.00
N ILE A 160 -0.08 -1.25 20.62
CA ILE A 160 0.09 -0.06 21.46
C ILE A 160 -0.57 -0.23 22.82
N LYS A 161 -1.80 -0.73 22.85
CA LYS A 161 -2.51 -0.83 24.11
CA LYS A 161 -2.51 -0.83 24.11
CA LYS A 161 -2.55 -0.90 24.09
C LYS A 161 -1.80 -1.78 25.09
N GLU A 162 -1.12 -2.80 24.56
CA GLU A 162 -0.41 -3.74 25.41
C GLU A 162 1.02 -3.29 25.74
N LYS A 163 1.75 -2.86 24.71
CA LYS A 163 3.18 -2.61 24.87
C LYS A 163 3.52 -1.18 25.26
N TYR A 164 2.61 -0.26 24.97
CA TYR A 164 2.80 1.14 25.33
C TYR A 164 1.60 1.66 26.10
N PRO A 165 1.39 1.15 27.32
CA PRO A 165 0.20 1.54 28.08
C PRO A 165 0.18 3.03 28.44
N ASN A 166 1.32 3.71 28.40
CA ASN A 166 1.36 5.15 28.68
C ASN A 166 1.31 6.03 27.44
N TRP A 167 1.01 5.42 26.29
CA TRP A 167 0.59 6.20 25.14
C TRP A 167 -0.93 6.30 25.18
N GLU A 168 -1.46 7.46 24.80
CA GLU A 168 -2.89 7.55 24.51
C GLU A 168 -3.08 7.88 23.05
N ILE A 169 -3.92 7.11 22.37
CA ILE A 169 -4.35 7.47 21.03
C ILE A 169 -5.48 8.47 21.18
N VAL A 170 -5.16 9.75 21.00
CA VAL A 170 -6.12 10.81 21.29
C VAL A 170 -7.12 11.00 20.17
N THR A 171 -6.74 10.63 18.95
CA THR A 171 -7.63 10.81 17.81
C THR A 171 -7.17 9.98 16.63
N THR A 172 -8.13 9.64 15.76
CA THR A 172 -7.86 9.04 14.47
C THR A 172 -8.55 9.90 13.42
N GLN A 173 -7.82 10.34 12.41
CA GLN A 173 -8.36 11.25 11.39
C GLN A 173 -8.10 10.73 9.99
N TYR A 174 -8.87 11.23 9.04
CA TYR A 174 -8.85 10.70 7.67
C TYR A 174 -8.67 11.80 6.63
N GLY A 175 -7.76 11.59 5.69
CA GLY A 175 -7.45 12.58 4.68
C GLY A 175 -7.96 12.27 3.28
N GLU A 176 -8.60 11.11 3.11
CA GLU A 176 -9.37 10.78 1.91
C GLU A 176 -8.55 10.71 0.61
N ASN A 177 -7.26 10.41 0.74
CA ASN A 177 -6.35 10.33 -0.41
C ASN A 177 -6.30 11.66 -1.18
N ASN A 178 -6.60 12.76 -0.50
CA ASN A 178 -6.71 14.05 -1.15
C ASN A 178 -5.74 15.02 -0.46
N ALA A 179 -4.84 15.62 -1.23
CA ALA A 179 -3.79 16.45 -0.63
C ALA A 179 -4.36 17.65 0.14
N GLN A 180 -5.36 18.32 -0.41
CA GLN A 180 -5.92 19.49 0.25
C GLN A 180 -6.64 19.12 1.54
N LYS A 181 -7.50 18.11 1.48
CA LYS A 181 -8.19 17.63 2.68
C LYS A 181 -7.19 17.18 3.73
N SER A 182 -6.15 16.48 3.28
CA SER A 182 -5.15 15.96 4.20
C SER A 182 -4.39 17.10 4.89
N LEU A 183 -4.08 18.16 4.15
CA LEU A 183 -3.41 19.30 4.79
C LEU A 183 -4.30 19.96 5.84
N SER A 184 -5.58 20.15 5.51
CA SER A 184 -6.52 20.74 6.43
CA SER A 184 -6.54 20.73 6.42
C SER A 184 -6.68 19.90 7.70
N VAL A 185 -6.79 18.60 7.52
CA VAL A 185 -6.93 17.69 8.66
C VAL A 185 -5.67 17.70 9.52
N GLY A 186 -4.50 17.66 8.89
CA GLY A 186 -3.24 17.67 9.61
C GLY A 186 -3.07 18.94 10.43
N GLU A 187 -3.36 20.10 9.84
CA GLU A 187 -3.32 21.35 10.57
C GLU A 187 -4.31 21.34 11.72
N ASN A 188 -5.48 20.76 11.51
CA ASN A 188 -6.49 20.70 12.56
C ASN A 188 -6.07 19.85 13.74
N ILE A 189 -5.31 18.77 13.49
CA ILE A 189 -4.79 17.95 14.58
C ILE A 189 -3.91 18.81 15.50
N LEU A 190 -3.03 19.61 14.90
CA LEU A 190 -2.11 20.43 15.69
C LEU A 190 -2.85 21.56 16.41
N LYS A 191 -3.86 22.13 15.78
CA LYS A 191 -4.64 23.21 16.40
C LYS A 191 -5.49 22.72 17.57
N THR A 192 -6.04 21.51 17.45
CA THR A 192 -6.92 20.99 18.50
C THR A 192 -6.17 20.24 19.60
N TYR A 193 -5.01 19.68 19.27
CA TYR A 193 -4.16 18.98 20.24
C TYR A 193 -2.76 19.59 20.22
N PRO A 194 -2.60 20.81 20.77
CA PRO A 194 -1.32 21.50 20.61
C PRO A 194 -0.17 20.83 21.37
N ASP A 195 -0.50 19.92 22.28
CA ASP A 195 0.51 19.17 23.03
C ASP A 195 0.73 17.75 22.48
N ILE A 196 0.25 17.48 21.28
CA ILE A 196 0.40 16.14 20.73
C ILE A 196 1.88 15.81 20.52
N ASN A 197 2.26 14.57 20.77
CA ASN A 197 3.66 14.19 20.66
C ASN A 197 4.04 13.55 19.33
N ALA A 198 3.14 12.76 18.75
CA ALA A 198 3.41 12.13 17.47
C ALA A 198 2.14 11.95 16.67
N VAL A 199 2.27 12.06 15.35
CA VAL A 199 1.19 11.70 14.43
C VAL A 199 1.73 10.60 13.52
N ILE A 200 1.05 9.46 13.54
CA ILE A 200 1.44 8.27 12.80
C ILE A 200 0.57 8.18 11.55
N CYS A 201 1.21 8.19 10.38
CA CYS A 201 0.49 8.46 9.12
C CYS A 201 0.73 7.38 8.07
N PRO A 202 0.04 6.23 8.20
CA PRO A 202 0.26 5.13 7.24
C PRO A 202 -0.54 5.33 5.95
N ASP A 203 -0.28 6.44 5.28
CA ASP A 203 -0.91 6.74 4.00
C ASP A 203 -0.05 7.72 3.24
N ALA A 204 0.12 7.45 1.95
CA ALA A 204 1.09 8.18 1.15
C ALA A 204 0.77 9.67 0.97
N THR A 205 -0.51 10.03 1.13
CA THR A 205 -0.95 11.42 1.02
C THR A 205 -0.97 12.10 2.41
N ALA A 206 -1.41 11.36 3.42
CA ALA A 206 -1.48 11.93 4.77
C ALA A 206 -0.09 12.30 5.33
N LEU A 207 0.91 11.47 5.08
CA LEU A 207 2.22 11.74 5.65
C LEU A 207 2.85 13.07 5.19
N PRO A 208 2.95 13.30 3.86
CA PRO A 208 3.50 14.60 3.45
C PRO A 208 2.62 15.77 3.90
N ALA A 209 1.30 15.57 3.91
CA ALA A 209 0.40 16.61 4.38
C ALA A 209 0.67 16.95 5.85
N MSE A 210 0.94 15.93 6.67
CA MSE A 210 1.22 16.14 8.08
C MSE A 210 2.55 16.86 8.28
O MSE A 210 2.68 17.73 9.14
CB MSE A 210 1.19 14.81 8.83
CG MSE A 210 1.23 14.96 10.32
SE MSE A 210 -0.35 15.88 11.01
CE MSE A 210 0.57 17.38 11.80
N ALA A 211 3.57 16.47 7.50
CA ALA A 211 4.85 17.16 7.55
C ALA A 211 4.67 18.63 7.17
N GLN A 212 3.91 18.87 6.11
CA GLN A 212 3.66 20.24 5.65
C GLN A 212 2.88 21.03 6.70
N ALA A 213 1.87 20.40 7.30
CA ALA A 213 1.08 21.04 8.36
C ALA A 213 1.99 21.48 9.51
N ALA A 214 2.91 20.60 9.90
CA ALA A 214 3.83 20.92 10.99
C ALA A 214 4.68 22.12 10.61
N GLU A 215 5.22 22.12 9.39
CA GLU A 215 6.02 23.27 8.94
C GLU A 215 5.20 24.55 8.89
N ASN A 216 3.97 24.45 8.37
CA ASN A 216 3.12 25.63 8.25
C ASN A 216 2.83 26.28 9.60
N LEU A 217 2.67 25.45 10.63
CA LEU A 217 2.29 25.94 11.95
C LEU A 217 3.48 26.05 12.90
N LYS A 218 4.69 25.95 12.34
CA LYS A 218 5.93 26.07 13.12
C LYS A 218 6.02 25.06 14.26
N MSE A 219 5.54 23.85 13.97
CA MSE A 219 5.56 22.76 14.93
C MSE A 219 6.52 21.67 14.48
O MSE A 219 6.65 20.62 15.12
CB MSE A 219 4.17 22.17 15.11
CG MSE A 219 3.16 23.16 15.66
SE MSE A 219 3.56 23.58 17.50
CE MSE A 219 3.03 21.88 18.29
N ASP A 220 7.18 21.90 13.34
CA ASP A 220 8.19 20.97 12.86
C ASP A 220 9.31 20.89 13.89
N LYS A 221 9.80 19.67 14.11
CA LYS A 221 10.79 19.37 15.16
C LYS A 221 10.27 19.48 16.60
N LYS A 222 8.99 19.76 16.78
CA LYS A 222 8.36 19.72 18.10
C LYS A 222 7.44 18.51 18.17
N VAL A 223 6.77 18.23 17.06
CA VAL A 223 5.90 17.06 16.95
CA VAL A 223 5.91 17.06 16.96
C VAL A 223 6.58 16.02 16.06
N VAL A 224 6.54 14.76 16.48
CA VAL A 224 7.09 13.68 15.66
C VAL A 224 6.08 13.31 14.57
N VAL A 225 6.55 13.26 13.33
CA VAL A 225 5.71 12.91 12.20
C VAL A 225 6.36 11.73 11.49
N THR A 226 5.65 10.62 11.42
CA THR A 226 6.17 9.45 10.73
C THR A 226 5.01 8.69 10.08
N GLY A 227 5.32 7.68 9.29
CA GLY A 227 4.30 6.96 8.57
C GLY A 227 4.86 6.34 7.30
N PHE A 228 4.00 6.20 6.29
CA PHE A 228 4.37 5.58 5.02
C PHE A 228 4.09 6.52 3.86
N SER A 229 5.11 6.76 3.03
CA SER A 229 4.93 7.47 1.77
C SER A 229 6.16 7.20 0.90
N THR A 230 6.25 7.85 -0.26
CA THR A 230 7.38 7.61 -1.15
C THR A 230 8.55 8.56 -0.89
N PRO A 231 9.78 8.08 -1.14
CA PRO A 231 10.94 8.94 -0.90
C PRO A 231 10.97 10.18 -1.79
N ASN A 232 10.48 10.09 -3.04
CA ASN A 232 10.52 11.29 -3.87
C ASN A 232 9.62 12.40 -3.35
N VAL A 233 8.53 12.03 -2.69
CA VAL A 233 7.62 13.01 -2.09
C VAL A 233 8.17 13.52 -0.75
N MSE A 234 8.85 12.65 -0.02
CA MSE A 234 9.28 12.97 1.35
C MSE A 234 10.67 13.58 1.47
O MSE A 234 11.03 14.06 2.55
CB MSE A 234 9.21 11.74 2.23
CG MSE A 234 7.81 11.13 2.38
SE MSE A 234 6.51 12.40 3.05
CE MSE A 234 7.34 12.84 4.76
N ARG A 235 11.46 13.53 0.40
CA ARG A 235 12.89 13.80 0.49
C ARG A 235 13.22 15.12 1.19
N ASP A 236 12.56 16.20 0.80
CA ASP A 236 12.91 17.50 1.39
C ASP A 236 12.46 17.63 2.85
N TYR A 237 11.36 16.98 3.21
CA TYR A 237 10.94 16.96 4.62
C TYR A 237 11.98 16.25 5.48
N VAL A 238 12.57 15.18 4.95
CA VAL A 238 13.62 14.45 5.66
C VAL A 238 14.87 15.31 5.77
N LYS A 239 15.28 15.93 4.67
CA LYS A 239 16.50 16.73 4.70
C LYS A 239 16.39 17.97 5.59
N ARG A 240 15.19 18.54 5.71
CA ARG A 240 14.95 19.64 6.64
C ARG A 240 14.84 19.16 8.09
N GLY A 241 14.68 17.86 8.30
CA GLY A 241 14.54 17.33 9.65
C GLY A 241 13.11 17.34 10.20
N THR A 242 12.14 17.71 9.38
CA THR A 242 10.74 17.67 9.80
C THR A 242 10.28 16.24 10.05
N VAL A 243 10.80 15.33 9.22
CA VAL A 243 10.57 13.90 9.38
C VAL A 243 11.93 13.25 9.51
N GLN A 244 12.16 12.59 10.64
CA GLN A 244 13.45 11.97 10.90
C GLN A 244 13.54 10.58 10.25
N GLN A 245 12.44 9.85 10.29
CA GLN A 245 12.38 8.55 9.62
C GLN A 245 10.95 8.24 9.24
N PHE A 246 10.79 7.52 8.13
CA PHE A 246 9.49 7.00 7.73
C PHE A 246 9.72 5.73 6.95
N GLY A 247 8.65 5.00 6.66
CA GLY A 247 8.79 3.72 6.00
C GLY A 247 8.09 3.61 4.66
N LEU A 248 8.57 2.66 3.87
CA LEU A 248 7.83 2.14 2.74
C LEU A 248 8.48 0.82 2.34
N TRP A 249 8.64 0.62 1.04
CA TRP A 249 9.11 -0.61 0.42
C TRP A 249 9.27 -0.23 -1.05
N ASP A 250 9.90 -1.09 -1.84
CA ASP A 250 10.14 -0.73 -3.24
C ASP A 250 8.87 -0.95 -4.06
N VAL A 251 8.09 0.11 -4.19
CA VAL A 251 6.80 0.01 -4.84
C VAL A 251 6.95 -0.28 -6.34
N LYS A 252 8.08 0.14 -6.93
CA LYS A 252 8.31 -0.19 -8.33
CA LYS A 252 8.33 -0.19 -8.33
C LYS A 252 8.51 -1.69 -8.48
N GLN A 253 9.27 -2.29 -7.58
CA GLN A 253 9.45 -3.75 -7.57
CA GLN A 253 9.44 -3.74 -7.64
C GLN A 253 8.13 -4.46 -7.30
N GLN A 254 7.29 -3.84 -6.47
CA GLN A 254 5.99 -4.42 -6.16
C GLN A 254 5.13 -4.51 -7.41
N GLY A 255 5.05 -3.42 -8.18
CA GLY A 255 4.33 -3.43 -9.44
C GLY A 255 4.93 -4.42 -10.42
N ALA A 256 6.26 -4.46 -10.50
CA ALA A 256 6.95 -5.41 -11.36
C ALA A 256 6.61 -6.85 -10.98
N LEU A 257 6.56 -7.14 -9.69
CA LEU A 257 6.25 -8.48 -9.23
C LEU A 257 4.85 -8.89 -9.63
N ALA A 258 3.91 -7.96 -9.53
CA ALA A 258 2.53 -8.22 -9.97
C ALA A 258 2.50 -8.61 -11.46
N THR A 259 3.16 -7.83 -12.30
CA THR A 259 3.23 -8.18 -13.72
C THR A 259 3.89 -9.53 -13.95
N TYR A 260 4.97 -9.79 -13.24
CA TYR A 260 5.69 -11.06 -13.38
C TYR A 260 4.79 -12.24 -13.05
N VAL A 261 4.03 -12.12 -11.95
CA VAL A 261 3.12 -13.18 -11.54
C VAL A 261 2.00 -13.37 -12.57
N ALA A 262 1.44 -12.26 -13.06
CA ALA A 262 0.40 -12.35 -14.08
C ALA A 262 0.96 -13.07 -15.33
N ASN A 263 2.21 -12.77 -15.68
CA ASN A 263 2.84 -13.43 -16.82
C ASN A 263 3.00 -14.93 -16.61
N GLU A 264 3.43 -15.32 -15.41
CA GLU A 264 3.58 -16.73 -15.06
C GLU A 264 2.27 -17.50 -15.23
N ILE A 265 1.19 -16.88 -14.79
CA ILE A 265 -0.11 -17.53 -14.78
C ILE A 265 -0.74 -17.53 -16.18
N VAL A 266 -0.78 -16.36 -16.80
CA VAL A 266 -1.50 -16.19 -18.07
C VAL A 266 -0.71 -16.70 -19.28
N VAL A 267 0.56 -16.33 -19.37
CA VAL A 267 1.36 -16.69 -20.53
C VAL A 267 1.99 -18.08 -20.37
N LYS A 268 2.63 -18.32 -19.23
CA LYS A 268 3.30 -19.60 -19.02
C LYS A 268 2.36 -20.72 -18.58
N GLY A 269 1.17 -20.36 -18.12
CA GLY A 269 0.19 -21.35 -17.68
C GLY A 269 0.55 -22.06 -16.39
N LYS A 270 1.32 -21.39 -15.53
CA LYS A 270 1.72 -21.95 -14.25
C LYS A 270 0.54 -22.04 -13.28
N LYS A 271 0.46 -23.13 -12.53
CA LYS A 271 -0.54 -23.26 -11.47
C LYS A 271 0.11 -23.10 -10.10
N LEU A 272 0.20 -21.85 -9.65
CA LEU A 272 0.85 -21.52 -8.38
C LEU A 272 0.02 -21.98 -7.20
N LYS A 273 0.69 -22.46 -6.17
CA LYS A 273 0.03 -22.97 -4.96
C LYS A 273 0.73 -22.43 -3.73
N VAL A 274 0.03 -22.38 -2.61
CA VAL A 274 0.65 -22.06 -1.33
C VAL A 274 1.81 -23.02 -1.08
N GLY A 275 2.96 -22.47 -0.71
CA GLY A 275 4.15 -23.27 -0.48
C GLY A 275 5.13 -23.16 -1.61
N ASP A 276 4.64 -22.74 -2.78
CA ASP A 276 5.53 -22.54 -3.94
C ASP A 276 6.43 -21.34 -3.70
N SER A 277 7.59 -21.37 -4.34
CA SER A 277 8.52 -20.26 -4.24
C SER A 277 9.19 -20.04 -5.60
N PHE A 278 9.71 -18.84 -5.81
CA PHE A 278 10.43 -18.51 -7.04
C PHE A 278 11.29 -17.28 -6.81
N GLU A 279 12.15 -16.99 -7.79
CA GLU A 279 13.02 -15.82 -7.70
C GLU A 279 12.83 -14.93 -8.94
N VAL A 280 12.84 -13.63 -8.72
CA VAL A 280 12.71 -12.67 -9.81
C VAL A 280 13.90 -11.73 -9.74
N LYS A 281 14.63 -11.59 -10.85
CA LYS A 281 15.82 -10.73 -10.88
C LYS A 281 15.44 -9.29 -10.53
N GLY A 282 16.19 -8.71 -9.60
CA GLY A 282 15.95 -7.34 -9.18
C GLY A 282 15.03 -7.26 -7.97
N ILE A 283 14.41 -8.39 -7.62
CA ILE A 283 13.50 -8.43 -6.49
C ILE A 283 14.01 -9.42 -5.44
N GLY A 284 14.29 -10.65 -5.86
CA GLY A 284 14.78 -11.65 -4.95
C GLY A 284 13.88 -12.85 -4.85
N LYS A 285 14.03 -13.61 -3.76
CA LYS A 285 13.27 -14.84 -3.55
C LYS A 285 11.95 -14.55 -2.85
N VAL A 286 10.87 -15.04 -3.45
CA VAL A 286 9.55 -14.87 -2.85
C VAL A 286 8.83 -16.20 -2.78
N LYS A 287 7.76 -16.25 -2.00
CA LYS A 287 7.02 -17.48 -1.82
C LYS A 287 5.55 -17.19 -1.65
N VAL A 288 4.74 -18.20 -1.94
CA VAL A 288 3.29 -18.09 -1.77
C VAL A 288 2.93 -18.58 -0.38
N GLU A 289 2.34 -17.70 0.42
CA GLU A 289 1.96 -18.02 1.78
C GLU A 289 0.44 -18.10 1.91
N PRO A 290 -0.05 -18.77 2.96
CA PRO A 290 -1.50 -18.83 3.13
C PRO A 290 -2.09 -17.48 3.50
N ASN A 291 -3.39 -17.34 3.24
CA ASN A 291 -4.10 -16.11 3.57
C ASN A 291 -4.10 -15.81 5.07
N SER A 292 -3.88 -16.84 5.89
CA SER A 292 -3.87 -16.66 7.33
C SER A 292 -2.81 -15.65 7.80
N ILE A 293 -1.76 -15.41 7.00
CA ILE A 293 -0.73 -14.46 7.44
C ILE A 293 -1.28 -13.04 7.55
N GLN A 294 -2.39 -12.77 6.85
CA GLN A 294 -3.03 -11.46 6.91
C GLN A 294 -4.13 -11.39 7.96
N GLY A 295 -4.48 -12.54 8.55
CA GLY A 295 -5.58 -12.63 9.50
C GLY A 295 -6.86 -13.24 8.94
N TYR A 296 -6.83 -13.60 7.65
CA TYR A 296 -8.01 -14.15 6.97
C TYR A 296 -8.31 -15.60 7.36
N ASP A 297 -9.57 -16.00 7.23
CA ASP A 297 -9.98 -17.38 7.51
C ASP A 297 -10.22 -18.24 6.27
N TYR A 298 -9.82 -17.73 5.11
CA TYR A 298 -10.09 -18.41 3.85
C TYR A 298 -8.83 -19.03 3.26
N GLU A 299 -8.91 -20.28 2.81
CA GLU A 299 -7.84 -20.85 2.00
C GLU A 299 -8.44 -21.65 0.85
N ALA A 300 -7.74 -21.66 -0.28
CA ALA A 300 -8.17 -22.41 -1.45
C ALA A 300 -6.97 -22.69 -2.35
N GLU A 301 -7.05 -23.77 -3.12
CA GLU A 301 -5.97 -24.11 -4.04
C GLU A 301 -5.74 -22.97 -5.02
N GLY A 302 -4.48 -22.57 -5.18
CA GLY A 302 -4.14 -21.49 -6.11
C GLY A 302 -4.54 -20.11 -5.62
N ASN A 303 -4.55 -19.94 -4.31
CA ASN A 303 -4.96 -18.67 -3.71
C ASN A 303 -4.04 -18.39 -2.53
N GLY A 304 -3.46 -17.20 -2.45
CA GLY A 304 -2.58 -16.88 -1.35
C GLY A 304 -1.90 -15.53 -1.48
N ILE A 305 -0.86 -15.34 -0.68
CA ILE A 305 -0.23 -14.03 -0.52
C ILE A 305 1.26 -14.15 -0.78
N ILE A 306 1.78 -13.23 -1.60
CA ILE A 306 3.20 -13.21 -1.93
C ILE A 306 3.77 -11.90 -1.38
N VAL A 307 4.64 -12.00 -0.38
CA VAL A 307 5.14 -10.83 0.34
C VAL A 307 6.52 -10.38 -0.17
N LEU A 308 6.72 -9.08 -0.29
CA LEU A 308 8.04 -8.53 -0.60
C LEU A 308 9.04 -8.94 0.46
N PRO A 309 10.25 -9.31 0.03
CA PRO A 309 11.27 -9.80 0.97
C PRO A 309 11.65 -8.79 2.04
N GLU A 310 11.65 -7.50 1.72
CA GLU A 310 12.04 -6.47 2.68
C GLU A 310 11.23 -5.21 2.52
N ARG A 311 11.11 -4.48 3.62
CA ARG A 311 10.60 -3.13 3.61
C ARG A 311 11.79 -2.18 3.74
N VAL A 312 11.52 -0.88 3.72
CA VAL A 312 12.59 0.13 3.77
C VAL A 312 12.23 1.18 4.81
N VAL A 313 13.21 1.51 5.65
CA VAL A 313 13.08 2.67 6.53
C VAL A 313 14.01 3.74 6.00
N PHE A 314 13.43 4.88 5.67
CA PHE A 314 14.18 6.00 5.11
C PHE A 314 14.59 6.98 6.19
N THR A 315 15.85 7.38 6.15
CA THR A 315 16.40 8.43 6.99
C THR A 315 17.25 9.32 6.09
N LYS A 316 17.85 10.37 6.65
CA LYS A 316 18.76 11.18 5.85
C LYS A 316 19.96 10.37 5.34
N ASP A 317 20.25 9.23 5.96
CA ASP A 317 21.37 8.40 5.53
C ASP A 317 21.14 7.64 4.24
N ASN A 318 19.89 7.34 3.93
CA ASN A 318 19.60 6.54 2.74
C ASN A 318 18.48 7.07 1.83
N ILE A 319 17.95 8.25 2.12
CA ILE A 319 16.84 8.82 1.35
C ILE A 319 17.21 8.98 -0.12
N ASP A 320 18.49 9.22 -0.41
CA ASP A 320 18.90 9.43 -1.80
C ASP A 320 19.31 8.14 -2.50
N LYS A 321 19.01 7.00 -1.88
CA LYS A 321 19.32 5.70 -2.47
C LYS A 321 18.13 5.09 -3.21
N TYR A 322 16.99 5.78 -3.18
CA TYR A 322 15.75 5.24 -3.72
C TYR A 322 15.07 6.29 -4.58
N ASN A 323 14.61 5.87 -5.75
CA ASN A 323 13.97 6.77 -6.70
C ASN A 323 12.59 6.24 -7.06
N PHE A 324 11.60 6.61 -6.24
CA PHE A 324 10.20 6.30 -6.53
C PHE A 324 9.29 7.12 -5.63
O2 PAV B . 0.32 3.64 2.88
C2 PAV B . 0.17 3.70 1.48
C1 PAV B . 1.49 3.87 0.79
O5 PAV B . -0.63 4.81 1.13
C5 PAV B . -1.33 4.51 -0.08
C4 PAV B . -1.09 3.09 -0.37
O4 PAV B . -2.26 2.48 -0.84
C3 PAV B . -0.58 2.55 0.91
O3 PAV B . 0.24 1.46 0.73
O13 PAV B . -1.63 2.23 1.76
C1 EDO C . 12.55 -3.13 7.34
O1 EDO C . 12.20 -3.69 8.62
C2 EDO C . 13.33 -4.17 6.55
O2 EDO C . 12.43 -5.19 6.11
C1 EDO D . 12.47 0.14 12.67
O1 EDO D . 13.36 -0.41 13.65
C2 EDO D . 12.86 1.58 12.38
O2 EDO D . 12.81 2.34 13.60
C1 EDO E . 15.67 3.71 12.43
O1 EDO E . 16.59 4.39 13.29
C2 EDO E . 16.32 3.12 11.19
O2 EDO E . 17.44 3.91 10.78
C1 EDO F . 13.77 -10.80 -15.98
O1 EDO F . 12.98 -11.07 -14.82
C2 EDO F . 12.92 -10.08 -17.02
O2 EDO F . 13.47 -10.35 -18.32
C1 EDO G . -0.49 25.05 17.66
O1 EDO G . -1.46 24.18 18.26
C2 EDO G . -0.72 25.09 16.16
O2 EDO G . -0.89 26.45 15.75
C1 EDO H . 6.11 -12.57 5.83
O1 EDO H . 6.76 -13.54 5.00
C2 EDO H . 5.63 -13.24 7.12
O2 EDO H . 4.64 -14.22 6.79
C1 EDO I . 16.02 10.79 -8.54
O1 EDO I . 16.80 11.90 -8.99
C2 EDO I . 15.04 11.28 -7.48
O2 EDO I . 13.97 11.95 -8.16
CL CL J . 9.33 14.06 13.02
#